data_2BEY
#
_entry.id   2BEY
#
_cell.length_a   1.000
_cell.length_b   1.000
_cell.length_c   1.000
_cell.angle_alpha   90.00
_cell.angle_beta   90.00
_cell.angle_gamma   90.00
#
_symmetry.space_group_name_H-M   'P 1'
#
_entity_poly.entity_id   1
_entity_poly.type   'polypeptide(L)'
_entity_poly.pdbx_seq_one_letter_code
;CTKSIPPICTKSIPPI
;
_entity_poly.pdbx_strand_id   A
#
# COMPACT_ATOMS: atom_id res chain seq x y z
N CYS A 1 2.35 -0.63 -0.31
CA CYS A 1 1.87 0.72 0.01
C CYS A 1 3.08 1.67 0.04
N THR A 2 2.83 2.98 -0.03
CA THR A 2 3.83 4.03 0.05
C THR A 2 4.13 4.43 1.50
N LYS A 3 5.24 5.13 1.73
CA LYS A 3 5.67 5.60 3.05
C LYS A 3 4.88 6.80 3.57
N SER A 4 3.62 6.90 3.17
CA SER A 4 2.68 7.93 3.62
C SER A 4 1.72 7.44 4.71
N ILE A 5 0.99 8.39 5.30
CA ILE A 5 -0.04 8.28 6.34
C ILE A 5 -1.33 9.05 6.01
N PRO A 6 -2.43 8.41 5.59
CA PRO A 6 -2.60 6.96 5.42
C PRO A 6 -1.87 6.30 4.22
N PRO A 7 -1.10 5.20 4.33
CA PRO A 7 -0.47 4.61 3.15
C PRO A 7 -1.53 4.04 2.18
N ILE A 8 -1.31 4.18 0.88
CA ILE A 8 -2.22 3.63 -0.16
C ILE A 8 -1.64 2.38 -0.82
N CYS A 9 -2.38 1.26 -0.78
CA CYS A 9 -2.08 -0.10 -1.25
C CYS A 9 -2.83 -0.65 -2.50
N THR A 10 -2.17 -1.31 -3.45
CA THR A 10 -2.81 -1.94 -4.61
C THR A 10 -3.48 -3.26 -4.19
N LYS A 11 -4.37 -3.80 -5.04
CA LYS A 11 -5.09 -5.04 -4.79
C LYS A 11 -4.26 -6.28 -5.15
N SER A 12 -2.99 -6.22 -4.82
CA SER A 12 -1.94 -7.23 -4.99
C SER A 12 -1.71 -7.97 -3.65
N ILE A 13 -1.06 -9.14 -3.67
CA ILE A 13 -0.68 -10.00 -2.54
C ILE A 13 0.77 -10.55 -2.53
N PRO A 14 1.63 -10.12 -1.60
CA PRO A 14 1.35 -9.16 -0.54
C PRO A 14 1.15 -7.73 -1.10
N PRO A 15 0.14 -6.92 -0.70
CA PRO A 15 -0.01 -5.58 -1.23
C PRO A 15 1.17 -4.68 -0.81
N ILE A 16 1.48 -3.71 -1.66
CA ILE A 16 2.55 -2.72 -1.50
C ILE A 16 1.97 -1.30 -1.39
N CYS A 1 2.38 -0.65 -0.49
CA CYS A 1 1.91 0.71 -0.21
C CYS A 1 3.13 1.64 -0.09
N THR A 2 2.90 2.95 -0.21
CA THR A 2 3.91 3.99 -0.04
C THR A 2 4.13 4.33 1.44
N LYS A 3 5.21 5.08 1.73
CA LYS A 3 5.59 5.48 3.09
C LYS A 3 4.76 6.65 3.64
N SER A 4 3.51 6.74 3.20
CA SER A 4 2.56 7.77 3.64
C SER A 4 1.57 7.27 4.71
N ILE A 5 0.94 8.22 5.41
CA ILE A 5 -0.08 8.10 6.46
C ILE A 5 -1.36 8.92 6.17
N PRO A 6 -2.47 8.31 5.73
CA PRO A 6 -2.67 6.88 5.46
C PRO A 6 -1.93 6.28 4.24
N PRO A 7 -1.16 5.17 4.29
CA PRO A 7 -0.49 4.67 3.08
C PRO A 7 -1.52 4.21 2.04
N ILE A 8 -1.17 4.30 0.74
CA ILE A 8 -2.05 3.89 -0.37
C ILE A 8 -1.59 2.56 -1.00
N CYS A 9 -2.37 1.50 -0.82
CA CYS A 9 -2.17 0.09 -1.24
C CYS A 9 -2.91 -0.43 -2.50
N THR A 10 -2.35 -1.32 -3.32
CA THR A 10 -3.01 -1.89 -4.49
C THR A 10 -3.55 -3.29 -4.16
N LYS A 11 -4.45 -3.81 -5.02
CA LYS A 11 -5.09 -5.12 -4.83
C LYS A 11 -4.15 -6.29 -5.14
N SER A 12 -2.90 -6.14 -4.71
CA SER A 12 -1.79 -7.08 -4.80
C SER A 12 -1.61 -7.81 -3.44
N ILE A 13 -1.11 -9.05 -3.45
CA ILE A 13 -0.80 -9.92 -2.31
C ILE A 13 0.59 -10.62 -2.31
N PRO A 14 1.53 -10.22 -1.44
CA PRO A 14 1.39 -9.16 -0.44
C PRO A 14 1.22 -7.77 -1.10
N PRO A 15 0.25 -6.91 -0.72
CA PRO A 15 0.15 -5.57 -1.31
C PRO A 15 1.37 -4.71 -0.97
N ILE A 16 1.63 -3.72 -1.80
CA ILE A 16 2.69 -2.72 -1.69
C ILE A 16 2.12 -1.30 -1.61
N CYS A 1 2.26 -0.61 -0.30
CA CYS A 1 1.81 0.73 0.04
C CYS A 1 3.03 1.68 0.11
N THR A 2 2.81 2.98 0.03
CA THR A 2 3.82 4.02 0.15
C THR A 2 4.14 4.33 1.61
N LYS A 3 5.25 5.04 1.85
CA LYS A 3 5.70 5.47 3.17
C LYS A 3 4.91 6.67 3.73
N SER A 4 3.68 6.82 3.28
CA SER A 4 2.77 7.89 3.71
C SER A 4 1.76 7.43 4.77
N ILE A 5 1.03 8.40 5.31
CA ILE A 5 -0.06 8.32 6.31
C ILE A 5 -1.29 9.18 5.95
N PRO A 6 -2.41 8.60 5.48
CA PRO A 6 -2.64 7.17 5.27
C PRO A 6 -1.87 6.49 4.12
N PRO A 7 -1.16 5.34 4.26
CA PRO A 7 -0.52 4.71 3.11
C PRO A 7 -1.57 4.22 2.10
N ILE A 8 -1.22 4.17 0.81
CA ILE A 8 -2.12 3.69 -0.25
C ILE A 8 -1.61 2.39 -0.90
N CYS A 9 -2.37 1.30 -0.75
CA CYS A 9 -2.13 -0.09 -1.19
C CYS A 9 -2.88 -0.64 -2.42
N THR A 10 -2.28 -1.40 -3.32
CA THR A 10 -2.95 -2.01 -4.49
C THR A 10 -3.55 -3.37 -4.10
N LYS A 11 -4.47 -3.88 -4.92
CA LYS A 11 -5.15 -5.16 -4.69
C LYS A 11 -4.30 -6.37 -5.12
N SER A 12 -3.02 -6.28 -4.80
CA SER A 12 -1.96 -7.27 -5.02
C SER A 12 -1.69 -8.04 -3.70
N ILE A 13 -0.99 -9.16 -3.77
CA ILE A 13 -0.56 -10.06 -2.67
C ILE A 13 0.91 -10.54 -2.68
N PRO A 14 1.76 -10.10 -1.75
CA PRO A 14 1.44 -9.17 -0.67
C PRO A 14 1.21 -7.74 -1.20
N PRO A 15 0.20 -6.96 -0.75
CA PRO A 15 0.01 -5.60 -1.24
C PRO A 15 1.19 -4.69 -0.85
N ILE A 16 1.44 -3.70 -1.68
CA ILE A 16 2.48 -2.67 -1.54
C ILE A 16 1.86 -1.28 -1.37
N CYS A 1 2.29 -0.70 -0.42
CA CYS A 1 1.82 0.65 -0.13
C CYS A 1 3.02 1.61 -0.09
N THR A 2 2.77 2.91 -0.20
CA THR A 2 3.76 3.97 -0.08
C THR A 2 4.07 4.29 1.39
N LYS A 3 5.18 5.01 1.61
CA LYS A 3 5.65 5.41 2.95
C LYS A 3 4.87 6.60 3.54
N SER A 4 3.61 6.72 3.16
CA SER A 4 2.70 7.75 3.65
C SER A 4 1.75 7.24 4.74
N ILE A 5 0.99 8.16 5.33
CA ILE A 5 -0.03 8.03 6.39
C ILE A 5 -1.29 8.89 6.14
N PRO A 6 -2.44 8.32 5.72
CA PRO A 6 -2.67 6.90 5.45
C PRO A 6 -1.95 6.27 4.23
N PRO A 7 -1.17 5.17 4.28
CA PRO A 7 -0.54 4.65 3.07
C PRO A 7 -1.59 4.15 2.06
N ILE A 8 -1.28 4.22 0.77
CA ILE A 8 -2.17 3.73 -0.31
C ILE A 8 -1.67 2.42 -0.92
N CYS A 9 -2.42 1.33 -0.75
CA CYS A 9 -2.19 -0.07 -1.15
C CYS A 9 -2.88 -0.62 -2.42
N THR A 10 -2.20 -1.30 -3.33
CA THR A 10 -2.79 -1.90 -4.53
C THR A 10 -3.46 -3.24 -4.18
N LYS A 11 -4.31 -3.76 -5.08
CA LYS A 11 -5.01 -5.03 -4.89
C LYS A 11 -4.13 -6.24 -5.17
N SER A 12 -2.88 -6.13 -4.76
CA SER A 12 -1.79 -7.11 -4.86
C SER A 12 -1.63 -7.86 -3.53
N ILE A 13 -0.98 -9.02 -3.53
CA ILE A 13 -0.67 -9.92 -2.40
C ILE A 13 0.78 -10.45 -2.30
N PRO A 14 1.61 -9.96 -1.37
CA PRO A 14 1.26 -8.96 -0.37
C PRO A 14 1.09 -7.56 -0.99
N PRO A 15 0.08 -6.73 -0.65
CA PRO A 15 -0.04 -5.40 -1.23
C PRO A 15 1.13 -4.50 -0.83
N ILE A 16 1.59 -3.69 -1.77
CA ILE A 16 2.69 -2.74 -1.65
C ILE A 16 2.18 -1.29 -1.59
N CYS A 1 2.24 -0.75 -0.29
CA CYS A 1 1.78 0.61 -0.01
C CYS A 1 3.01 1.54 0.07
N THR A 2 2.78 2.85 -0.05
CA THR A 2 3.80 3.88 0.10
C THR A 2 4.06 4.21 1.58
N LYS A 3 5.18 4.87 1.86
CA LYS A 3 5.60 5.27 3.22
C LYS A 3 4.88 6.51 3.74
N SER A 4 3.66 6.73 3.26
CA SER A 4 2.80 7.85 3.66
C SER A 4 1.73 7.44 4.68
N ILE A 5 1.08 8.45 5.28
CA ILE A 5 -0.02 8.42 6.25
C ILE A 5 -1.25 9.25 5.81
N PRO A 6 -2.38 8.62 5.39
CA PRO A 6 -2.61 7.18 5.29
C PRO A 6 -1.91 6.42 4.14
N PRO A 7 -1.21 5.27 4.31
CA PRO A 7 -0.57 4.62 3.16
C PRO A 7 -1.63 4.11 2.16
N ILE A 8 -1.34 4.23 0.86
CA ILE A 8 -2.23 3.77 -0.21
C ILE A 8 -1.71 2.48 -0.88
N CYS A 9 -2.45 1.37 -0.74
CA CYS A 9 -2.19 -0.01 -1.18
C CYS A 9 -2.87 -0.54 -2.45
N THR A 10 -2.26 -1.39 -3.27
CA THR A 10 -2.88 -2.02 -4.44
C THR A 10 -3.49 -3.37 -4.06
N LYS A 11 -4.45 -3.87 -4.85
CA LYS A 11 -5.15 -5.14 -4.60
C LYS A 11 -4.31 -6.35 -5.01
N SER A 12 -3.01 -6.24 -4.80
CA SER A 12 -1.94 -7.22 -5.05
C SER A 12 -1.56 -7.91 -3.72
N ILE A 13 -1.00 -9.12 -3.78
CA ILE A 13 -0.52 -9.97 -2.67
C ILE A 13 0.97 -10.40 -2.71
N PRO A 14 1.82 -9.94 -1.79
CA PRO A 14 1.49 -9.05 -0.69
C PRO A 14 1.23 -7.61 -1.18
N PRO A 15 0.18 -6.87 -0.73
CA PRO A 15 -0.04 -5.51 -1.19
C PRO A 15 1.10 -4.58 -0.76
N ILE A 16 1.56 -3.75 -1.69
CA ILE A 16 2.64 -2.78 -1.55
C ILE A 16 2.11 -1.34 -1.46
N CYS A 1 2.15 -0.80 0.02
CA CYS A 1 1.65 0.55 0.24
C CYS A 1 2.83 1.53 0.17
N THR A 2 2.55 2.82 -0.01
CA THR A 2 3.52 3.89 -0.05
C THR A 2 3.98 4.29 1.37
N LYS A 3 5.07 5.08 1.46
CA LYS A 3 5.62 5.60 2.71
C LYS A 3 4.85 6.81 3.26
N SER A 4 3.57 6.90 2.93
CA SER A 4 2.69 7.97 3.38
C SER A 4 1.79 7.57 4.57
N ILE A 5 1.05 8.56 5.09
CA ILE A 5 0.07 8.51 6.18
C ILE A 5 -1.22 9.29 5.85
N PRO A 6 -2.37 8.63 5.57
CA PRO A 6 -2.55 7.18 5.48
C PRO A 6 -1.85 6.43 4.33
N PRO A 7 -1.05 5.35 4.50
CA PRO A 7 -0.46 4.68 3.34
C PRO A 7 -1.55 4.02 2.47
N ILE A 8 -1.43 4.12 1.14
CA ILE A 8 -2.38 3.51 0.19
C ILE A 8 -1.75 2.31 -0.55
N CYS A 9 -2.37 1.14 -0.47
CA CYS A 9 -2.03 -0.18 -1.04
C CYS A 9 -2.74 -0.66 -2.32
N THR A 10 -2.07 -1.30 -3.28
CA THR A 10 -2.69 -1.85 -4.50
C THR A 10 -3.34 -3.21 -4.20
N LYS A 11 -4.20 -3.67 -5.11
CA LYS A 11 -4.90 -4.96 -4.98
C LYS A 11 -4.02 -6.15 -5.36
N SER A 12 -2.77 -6.08 -4.95
CA SER A 12 -1.69 -7.05 -5.12
C SER A 12 -1.51 -7.87 -3.83
N ILE A 13 -1.00 -9.10 -3.92
CA ILE A 13 -0.69 -10.05 -2.84
C ILE A 13 0.78 -10.57 -2.77
N PRO A 14 1.58 -10.17 -1.76
CA PRO A 14 1.20 -9.29 -0.67
C PRO A 14 1.07 -7.83 -1.13
N PRO A 15 0.03 -7.03 -0.77
CA PRO A 15 -0.05 -5.66 -1.21
C PRO A 15 1.09 -4.80 -0.64
N ILE A 16 1.56 -3.85 -1.43
CA ILE A 16 2.61 -2.89 -1.12
C ILE A 16 2.07 -1.45 -1.13
N CYS A 1 2.36 -0.64 -0.30
CA CYS A 1 1.89 0.71 0.01
C CYS A 1 3.10 1.67 0.03
N THR A 2 2.83 2.97 -0.08
CA THR A 2 3.83 4.03 -0.03
C THR A 2 4.13 4.46 1.42
N LYS A 3 5.23 5.21 1.60
CA LYS A 3 5.68 5.69 2.91
C LYS A 3 4.86 6.86 3.46
N SER A 4 3.58 6.89 3.12
CA SER A 4 2.63 7.91 3.59
C SER A 4 1.74 7.42 4.74
N ILE A 5 0.98 8.35 5.31
CA ILE A 5 -0.02 8.22 6.39
C ILE A 5 -1.31 9.05 6.13
N PRO A 6 -2.45 8.43 5.76
CA PRO A 6 -2.65 7.00 5.54
C PRO A 6 -1.96 6.36 4.32
N PRO A 7 -1.18 5.26 4.38
CA PRO A 7 -0.59 4.71 3.17
C PRO A 7 -1.67 4.18 2.20
N ILE A 8 -1.35 4.09 0.91
CA ILE A 8 -2.27 3.56 -0.12
C ILE A 8 -1.68 2.36 -0.86
N CYS A 9 -2.31 1.19 -0.72
CA CYS A 9 -1.95 -0.14 -1.23
C CYS A 9 -2.69 -0.71 -2.48
N THR A 10 -2.03 -1.31 -3.45
CA THR A 10 -2.67 -1.92 -4.63
C THR A 10 -3.33 -3.25 -4.24
N LYS A 11 -4.27 -3.73 -5.05
CA LYS A 11 -5.03 -4.97 -4.80
C LYS A 11 -4.24 -6.22 -5.16
N SER A 12 -2.95 -6.19 -4.83
CA SER A 12 -1.94 -7.24 -4.98
C SER A 12 -1.73 -7.96 -3.62
N ILE A 13 -1.15 -9.15 -3.62
CA ILE A 13 -0.82 -10.02 -2.47
C ILE A 13 0.59 -10.65 -2.44
N PRO A 14 1.49 -10.23 -1.55
CA PRO A 14 1.27 -9.21 -0.53
C PRO A 14 1.12 -7.81 -1.14
N PRO A 15 0.14 -6.94 -0.78
CA PRO A 15 0.06 -5.60 -1.33
C PRO A 15 1.27 -4.75 -0.92
N ILE A 16 1.53 -3.70 -1.68
CA ILE A 16 2.60 -2.73 -1.50
C ILE A 16 2.04 -1.30 -1.40
N CYS A 1 2.28 -0.72 -0.06
CA CYS A 1 1.79 0.63 0.19
C CYS A 1 2.99 1.60 0.14
N THR A 2 2.71 2.90 -0.02
CA THR A 2 3.71 3.97 -0.03
C THR A 2 4.08 4.42 1.40
N LYS A 3 5.17 5.18 1.53
CA LYS A 3 5.67 5.69 2.81
C LYS A 3 4.86 6.90 3.33
N SER A 4 3.58 6.94 2.99
CA SER A 4 2.65 7.99 3.43
C SER A 4 1.77 7.55 4.62
N ILE A 5 0.99 8.50 5.14
CA ILE A 5 0.02 8.43 6.24
C ILE A 5 -1.30 9.19 5.94
N PRO A 6 -2.42 8.50 5.64
CA PRO A 6 -2.58 7.06 5.53
C PRO A 6 -1.90 6.35 4.34
N PRO A 7 -1.07 5.28 4.46
CA PRO A 7 -0.46 4.67 3.28
C PRO A 7 -1.53 4.05 2.36
N ILE A 8 -1.31 4.06 1.05
CA ILE A 8 -2.24 3.47 0.06
C ILE A 8 -1.61 2.27 -0.66
N CYS A 9 -2.28 1.10 -0.60
CA CYS A 9 -1.92 -0.22 -1.12
C CYS A 9 -2.64 -0.76 -2.38
N THR A 10 -1.97 -1.43 -3.33
CA THR A 10 -2.58 -2.01 -4.53
C THR A 10 -3.35 -3.29 -4.16
N LYS A 11 -4.21 -3.77 -5.06
CA LYS A 11 -5.00 -4.99 -4.87
C LYS A 11 -4.23 -6.26 -5.25
N SER A 12 -2.92 -6.21 -5.00
CA SER A 12 -1.91 -7.25 -5.22
C SER A 12 -1.61 -7.97 -3.87
N ILE A 13 -1.06 -9.18 -3.91
CA ILE A 13 -0.66 -10.04 -2.80
C ILE A 13 0.85 -10.44 -2.72
N PRO A 14 1.61 -9.98 -1.73
CA PRO A 14 1.17 -9.12 -0.64
C PRO A 14 0.99 -7.65 -1.11
N PRO A 15 -0.07 -6.90 -0.75
CA PRO A 15 -0.21 -5.52 -1.18
C PRO A 15 0.90 -4.63 -0.61
N ILE A 16 1.51 -3.84 -1.48
CA ILE A 16 2.54 -2.85 -1.18
C ILE A 16 1.96 -1.43 -1.13
N CYS A 1 2.27 -0.69 -0.14
CA CYS A 1 1.78 0.67 0.09
C CYS A 1 2.98 1.64 0.11
N THR A 2 2.71 2.93 -0.05
CA THR A 2 3.71 4.00 0.01
C THR A 2 4.04 4.38 1.46
N LYS A 3 5.13 5.13 1.64
CA LYS A 3 5.61 5.58 2.96
C LYS A 3 4.84 6.78 3.53
N SER A 4 3.57 6.89 3.16
CA SER A 4 2.67 7.95 3.63
C SER A 4 1.73 7.49 4.75
N ILE A 5 0.99 8.44 5.32
CA ILE A 5 -0.06 8.34 6.34
C ILE A 5 -1.33 9.16 6.00
N PRO A 6 -2.44 8.53 5.54
CA PRO A 6 -2.63 7.09 5.36
C PRO A 6 -1.88 6.42 4.19
N PRO A 7 -1.10 5.31 4.31
CA PRO A 7 -0.47 4.71 3.14
C PRO A 7 -1.52 4.14 2.17
N ILE A 8 -1.28 4.27 0.85
CA ILE A 8 -2.17 3.71 -0.18
C ILE A 8 -1.61 2.39 -0.76
N CYS A 9 -2.39 1.31 -0.67
CA CYS A 9 -2.13 -0.08 -1.08
C CYS A 9 -2.84 -0.65 -2.34
N THR A 10 -2.16 -1.29 -3.28
CA THR A 10 -2.77 -1.93 -4.45
C THR A 10 -3.43 -3.25 -4.05
N LYS A 11 -4.31 -3.79 -4.92
CA LYS A 11 -5.02 -5.04 -4.68
C LYS A 11 -4.21 -6.27 -5.10
N SER A 12 -2.91 -6.20 -4.85
CA SER A 12 -1.87 -7.22 -5.07
C SER A 12 -1.56 -7.94 -3.73
N ILE A 13 -1.19 -9.22 -3.78
CA ILE A 13 -0.82 -10.12 -2.67
C ILE A 13 0.62 -10.70 -2.67
N PRO A 14 1.50 -10.27 -1.76
CA PRO A 14 1.25 -9.30 -0.71
C PRO A 14 1.14 -7.87 -1.26
N PRO A 15 0.19 -6.99 -0.84
CA PRO A 15 0.16 -5.62 -1.33
C PRO A 15 1.41 -4.83 -0.90
N ILE A 16 1.63 -3.69 -1.56
CA ILE A 16 2.71 -2.75 -1.31
C ILE A 16 2.20 -1.31 -1.31
N CYS A 1 2.21 -0.72 -0.18
CA CYS A 1 1.73 0.63 0.11
C CYS A 1 2.92 1.61 0.04
N THR A 2 2.63 2.90 -0.08
CA THR A 2 3.60 3.98 -0.10
C THR A 2 4.03 4.40 1.32
N LYS A 3 5.09 5.21 1.41
CA LYS A 3 5.63 5.72 2.68
C LYS A 3 4.78 6.87 3.28
N SER A 4 3.50 6.88 2.97
CA SER A 4 2.55 7.89 3.44
C SER A 4 1.70 7.40 4.63
N ILE A 5 0.96 8.33 5.23
CA ILE A 5 -0.02 8.20 6.32
C ILE A 5 -1.33 9.00 6.07
N PRO A 6 -2.46 8.36 5.71
CA PRO A 6 -2.64 6.92 5.53
C PRO A 6 -1.89 6.25 4.35
N PRO A 7 -1.12 5.13 4.48
CA PRO A 7 -0.46 4.54 3.32
C PRO A 7 -1.49 4.03 2.30
N ILE A 8 -1.20 4.16 1.00
CA ILE A 8 -2.07 3.67 -0.08
C ILE A 8 -1.50 2.40 -0.74
N CYS A 9 -2.21 1.27 -0.64
CA CYS A 9 -1.91 -0.08 -1.13
C CYS A 9 -2.59 -0.58 -2.43
N THR A 10 -1.93 -1.33 -3.31
CA THR A 10 -2.52 -1.91 -4.52
C THR A 10 -3.28 -3.20 -4.17
N LYS A 11 -4.14 -3.67 -5.09
CA LYS A 11 -4.94 -4.88 -4.91
C LYS A 11 -4.16 -6.16 -5.25
N SER A 12 -2.88 -6.14 -4.89
CA SER A 12 -1.88 -7.20 -5.03
C SER A 12 -1.70 -7.94 -3.69
N ILE A 13 -1.11 -9.13 -3.69
CA ILE A 13 -0.78 -10.01 -2.56
C ILE A 13 0.66 -10.56 -2.49
N PRO A 14 1.49 -10.13 -1.52
CA PRO A 14 1.17 -9.16 -0.48
C PRO A 14 1.04 -7.73 -1.05
N PRO A 15 0.04 -6.89 -0.71
CA PRO A 15 -0.05 -5.54 -1.25
C PRO A 15 1.12 -4.67 -0.78
N ILE A 16 1.51 -3.73 -1.63
CA ILE A 16 2.58 -2.76 -1.43
C ILE A 16 2.04 -1.33 -1.35
N CYS A 1 2.31 -0.62 -0.32
CA CYS A 1 1.85 0.72 0.00
C CYS A 1 3.07 1.67 0.02
N THR A 2 2.82 2.97 -0.10
CA THR A 2 3.84 4.02 -0.05
C THR A 2 4.14 4.45 1.40
N LYS A 3 5.23 5.20 1.58
CA LYS A 3 5.70 5.68 2.89
C LYS A 3 4.86 6.84 3.47
N SER A 4 3.59 6.88 3.09
CA SER A 4 2.63 7.86 3.59
C SER A 4 1.72 7.30 4.71
N ILE A 5 0.92 8.18 5.29
CA ILE A 5 -0.10 7.99 6.34
C ILE A 5 -1.39 8.82 6.11
N PRO A 6 -2.52 8.22 5.70
CA PRO A 6 -2.72 6.80 5.43
C PRO A 6 -1.97 6.18 4.21
N PRO A 7 -1.15 5.11 4.29
CA PRO A 7 -0.48 4.61 3.10
C PRO A 7 -1.49 4.05 2.09
N ILE A 8 -1.23 4.22 0.79
CA ILE A 8 -2.11 3.73 -0.29
C ILE A 8 -1.56 2.44 -0.92
N CYS A 9 -2.29 1.32 -0.76
CA CYS A 9 -2.02 -0.05 -1.19
C CYS A 9 -2.71 -0.61 -2.45
N THR A 10 -2.03 -1.27 -3.38
CA THR A 10 -2.63 -1.89 -4.57
C THR A 10 -3.35 -3.20 -4.16
N LYS A 11 -4.26 -3.68 -5.01
CA LYS A 11 -5.06 -4.90 -4.77
C LYS A 11 -4.28 -6.17 -5.09
N SER A 12 -3.00 -6.14 -4.78
CA SER A 12 -1.99 -7.20 -4.93
C SER A 12 -1.76 -7.90 -3.57
N ILE A 13 -1.14 -9.08 -3.57
CA ILE A 13 -0.74 -9.92 -2.42
C ILE A 13 0.67 -10.52 -2.44
N PRO A 14 1.58 -10.12 -1.54
CA PRO A 14 1.37 -9.13 -0.48
C PRO A 14 1.15 -7.71 -1.05
N PRO A 15 0.15 -6.91 -0.66
CA PRO A 15 -0.01 -5.56 -1.19
C PRO A 15 1.16 -4.67 -0.79
N ILE A 16 1.48 -3.72 -1.66
CA ILE A 16 2.52 -2.72 -1.52
C ILE A 16 1.94 -1.30 -1.40
N CYS A 1 2.43 -0.59 -0.42
CA CYS A 1 2.01 0.76 -0.06
C CYS A 1 3.25 1.66 0.01
N THR A 2 3.05 2.97 -0.02
CA THR A 2 4.10 3.98 0.14
C THR A 2 4.27 4.39 1.61
N LYS A 3 5.36 5.09 1.91
CA LYS A 3 5.71 5.56 3.26
C LYS A 3 4.88 6.76 3.73
N SER A 4 3.62 6.80 3.30
CA SER A 4 2.66 7.84 3.68
C SER A 4 1.70 7.38 4.79
N ILE A 5 0.88 8.32 5.28
CA ILE A 5 -0.16 8.24 6.30
C ILE A 5 -1.43 9.04 5.96
N PRO A 6 -2.54 8.41 5.51
CA PRO A 6 -2.72 6.96 5.32
C PRO A 6 -1.97 6.31 4.13
N PRO A 7 -1.20 5.20 4.24
CA PRO A 7 -0.55 4.63 3.05
C PRO A 7 -1.58 4.10 2.06
N ILE A 8 -1.32 4.25 0.75
CA ILE A 8 -2.22 3.76 -0.31
C ILE A 8 -1.67 2.50 -0.99
N CYS A 9 -2.34 1.36 -0.81
CA CYS A 9 -2.05 0.00 -1.30
C CYS A 9 -2.84 -0.56 -2.50
N THR A 10 -2.24 -1.27 -3.46
CA THR A 10 -2.95 -1.93 -4.57
C THR A 10 -3.53 -3.27 -4.08
N LYS A 11 -4.51 -3.80 -4.83
CA LYS A 11 -5.20 -5.07 -4.50
C LYS A 11 -4.37 -6.30 -4.88
N SER A 12 -3.07 -6.20 -4.64
CA SER A 12 -2.03 -7.21 -4.86
C SER A 12 -1.69 -7.92 -3.54
N ILE A 13 -1.15 -9.14 -3.59
CA ILE A 13 -0.72 -10.01 -2.49
C ILE A 13 0.71 -10.61 -2.58
N PRO A 14 1.65 -10.20 -1.71
CA PRO A 14 1.47 -9.21 -0.65
C PRO A 14 1.26 -7.80 -1.23
N PRO A 15 0.29 -6.96 -0.77
CA PRO A 15 0.13 -5.62 -1.31
C PRO A 15 1.34 -4.74 -1.00
N ILE A 16 1.49 -3.67 -1.75
CA ILE A 16 2.55 -2.67 -1.66
C ILE A 16 1.97 -1.25 -1.47
N CYS A 1 2.25 -0.73 -0.20
CA CYS A 1 1.77 0.62 0.04
C CYS A 1 2.98 1.59 0.05
N THR A 2 2.73 2.88 -0.11
CA THR A 2 3.72 3.94 -0.06
C THR A 2 4.05 4.35 1.38
N LYS A 3 5.13 5.11 1.56
CA LYS A 3 5.61 5.60 2.87
C LYS A 3 4.81 6.80 3.39
N SER A 4 3.53 6.85 3.06
CA SER A 4 2.61 7.90 3.51
C SER A 4 1.72 7.44 4.69
N ILE A 5 0.97 8.40 5.26
CA ILE A 5 0.03 8.32 6.37
C ILE A 5 -1.28 9.11 6.14
N PRO A 6 -2.41 8.47 5.76
CA PRO A 6 -2.59 7.04 5.54
C PRO A 6 -1.89 6.41 4.31
N PRO A 7 -1.11 5.31 4.36
CA PRO A 7 -0.51 4.77 3.14
C PRO A 7 -1.58 4.25 2.17
N ILE A 8 -1.28 4.21 0.88
CA ILE A 8 -2.19 3.68 -0.15
C ILE A 8 -1.64 2.40 -0.80
N CYS A 9 -2.36 1.28 -0.65
CA CYS A 9 -2.09 -0.10 -1.09
C CYS A 9 -2.75 -0.65 -2.38
N THR A 10 -2.06 -1.34 -3.28
CA THR A 10 -2.63 -1.94 -4.49
C THR A 10 -3.35 -3.25 -4.14
N LYS A 11 -4.21 -3.74 -5.05
CA LYS A 11 -4.98 -4.97 -4.87
C LYS A 11 -4.17 -6.22 -5.22
N SER A 12 -2.89 -6.17 -4.89
CA SER A 12 -1.87 -7.20 -5.06
C SER A 12 -1.64 -7.95 -3.72
N ILE A 13 -1.08 -9.15 -3.75
CA ILE A 13 -0.70 -10.02 -2.63
C ILE A 13 0.75 -10.56 -2.61
N PRO A 14 1.61 -10.14 -1.67
CA PRO A 14 1.30 -9.21 -0.59
C PRO A 14 1.12 -7.76 -1.10
N PRO A 15 0.08 -6.99 -0.73
CA PRO A 15 -0.05 -5.61 -1.22
C PRO A 15 1.10 -4.73 -0.71
N ILE A 16 1.53 -3.82 -1.58
CA ILE A 16 2.59 -2.83 -1.34
C ILE A 16 2.02 -1.40 -1.31
N CYS A 1 2.33 -0.71 -0.19
CA CYS A 1 1.90 0.65 0.13
C CYS A 1 3.15 1.56 0.17
N THR A 2 2.94 2.87 0.07
CA THR A 2 3.98 3.89 0.15
C THR A 2 4.22 4.34 1.60
N LYS A 3 5.32 5.07 1.82
CA LYS A 3 5.72 5.60 3.14
C LYS A 3 4.89 6.81 3.58
N SER A 4 3.63 6.85 3.19
CA SER A 4 2.69 7.92 3.54
C SER A 4 1.73 7.53 4.69
N ILE A 5 0.97 8.51 5.16
CA ILE A 5 -0.07 8.48 6.20
C ILE A 5 -1.36 9.24 5.79
N PRO A 6 -2.46 8.56 5.42
CA PRO A 6 -2.63 7.11 5.35
C PRO A 6 -1.92 6.36 4.19
N PRO A 7 -1.13 5.28 4.36
CA PRO A 7 -0.51 4.64 3.20
C PRO A 7 -1.56 4.03 2.27
N ILE A 8 -1.37 4.16 0.96
CA ILE A 8 -2.28 3.58 -0.06
C ILE A 8 -1.68 2.32 -0.71
N CYS A 9 -2.41 1.21 -0.69
CA CYS A 9 -2.11 -0.15 -1.17
C CYS A 9 -2.88 -0.72 -2.39
N THR A 10 -2.25 -1.36 -3.36
CA THR A 10 -2.92 -1.98 -4.52
C THR A 10 -3.52 -3.33 -4.11
N LYS A 11 -4.45 -3.86 -4.93
CA LYS A 11 -5.14 -5.13 -4.68
C LYS A 11 -4.29 -6.34 -5.09
N SER A 12 -2.99 -6.24 -4.84
CA SER A 12 -1.94 -7.22 -5.07
C SER A 12 -1.60 -7.95 -3.75
N ILE A 13 -1.08 -9.18 -3.82
CA ILE A 13 -0.66 -10.06 -2.73
C ILE A 13 0.83 -10.52 -2.72
N PRO A 14 1.67 -10.03 -1.78
CA PRO A 14 1.31 -9.11 -0.71
C PRO A 14 1.13 -7.67 -1.22
N PRO A 15 0.11 -6.88 -0.82
CA PRO A 15 -0.02 -5.50 -1.29
C PRO A 15 1.14 -4.64 -0.82
N ILE A 16 1.54 -3.70 -1.67
CA ILE A 16 2.63 -2.75 -1.48
C ILE A 16 2.10 -1.31 -1.35
N CYS A 1 2.41 -0.56 -0.50
CA CYS A 1 1.95 0.79 -0.15
C CYS A 1 3.16 1.73 -0.03
N THR A 2 2.92 3.03 -0.08
CA THR A 2 3.92 4.07 0.12
C THR A 2 4.19 4.32 1.61
N LYS A 3 5.27 5.03 1.92
CA LYS A 3 5.67 5.39 3.29
C LYS A 3 4.90 6.60 3.85
N SER A 4 3.67 6.78 3.38
CA SER A 4 2.78 7.85 3.83
C SER A 4 1.74 7.38 4.86
N ILE A 5 0.99 8.34 5.41
CA ILE A 5 -0.10 8.25 6.39
C ILE A 5 -1.34 9.09 6.01
N PRO A 6 -2.46 8.48 5.54
CA PRO A 6 -2.66 7.05 5.34
C PRO A 6 -1.93 6.40 4.14
N PRO A 7 -1.19 5.26 4.23
CA PRO A 7 -0.54 4.71 3.04
C PRO A 7 -1.58 4.24 2.01
N ILE A 8 -1.21 4.22 0.73
CA ILE A 8 -2.10 3.78 -0.36
C ILE A 8 -1.60 2.49 -1.03
N CYS A 9 -2.35 1.39 -0.88
CA CYS A 9 -2.12 0.00 -1.31
C CYS A 9 -2.85 -0.55 -2.55
N THR A 10 -2.28 -1.47 -3.34
CA THR A 10 -2.94 -2.10 -4.48
C THR A 10 -3.57 -3.43 -4.06
N LYS A 11 -4.48 -3.98 -4.89
CA LYS A 11 -5.20 -5.22 -4.62
C LYS A 11 -4.38 -6.46 -4.98
N SER A 12 -3.07 -6.35 -4.76
CA SER A 12 -2.02 -7.36 -4.96
C SER A 12 -1.66 -8.02 -3.61
N ILE A 13 -1.11 -9.24 -3.64
CA ILE A 13 -0.61 -10.04 -2.51
C ILE A 13 0.88 -10.49 -2.56
N PRO A 14 1.75 -9.98 -1.69
CA PRO A 14 1.46 -9.02 -0.63
C PRO A 14 1.20 -7.60 -1.19
N PRO A 15 0.16 -6.84 -0.78
CA PRO A 15 -0.04 -5.49 -1.29
C PRO A 15 1.11 -4.56 -0.88
N ILE A 16 1.51 -3.70 -1.79
CA ILE A 16 2.54 -2.68 -1.65
C ILE A 16 1.93 -1.27 -1.49
N CYS A 1 2.44 -0.55 -0.58
CA CYS A 1 1.96 0.79 -0.25
C CYS A 1 3.17 1.75 -0.20
N THR A 2 2.89 3.05 -0.25
CA THR A 2 3.89 4.11 -0.13
C THR A 2 4.16 4.47 1.34
N LYS A 3 5.23 5.23 1.59
CA LYS A 3 5.66 5.66 2.93
C LYS A 3 4.80 6.79 3.51
N SER A 4 3.52 6.82 3.16
CA SER A 4 2.55 7.80 3.66
C SER A 4 1.66 7.25 4.79
N ILE A 5 0.86 8.13 5.37
CA ILE A 5 -0.17 7.94 6.40
C ILE A 5 -1.48 8.72 6.12
N PRO A 6 -2.58 8.06 5.70
CA PRO A 6 -2.72 6.63 5.45
C PRO A 6 -1.92 6.03 4.27
N PRO A 7 -1.12 4.95 4.36
CA PRO A 7 -0.43 4.43 3.18
C PRO A 7 -1.44 3.90 2.14
N ILE A 8 -1.20 4.17 0.86
CA ILE A 8 -2.09 3.75 -0.24
C ILE A 8 -1.55 2.50 -0.95
N CYS A 9 -2.23 1.36 -0.82
CA CYS A 9 -1.96 0.01 -1.34
C CYS A 9 -2.72 -0.51 -2.57
N THR A 10 -2.12 -1.22 -3.52
CA THR A 10 -2.80 -1.84 -4.66
C THR A 10 -3.43 -3.17 -4.25
N LYS A 11 -4.34 -3.70 -5.06
CA LYS A 11 -5.05 -4.95 -4.80
C LYS A 11 -4.19 -6.18 -5.09
N SER A 12 -2.91 -6.07 -4.72
CA SER A 12 -1.85 -7.08 -4.81
C SER A 12 -1.64 -7.73 -3.42
N ILE A 13 -1.17 -8.98 -3.37
CA ILE A 13 -0.90 -9.82 -2.19
C ILE A 13 0.46 -10.56 -2.14
N PRO A 14 1.39 -10.18 -1.25
CA PRO A 14 1.25 -9.12 -0.27
C PRO A 14 1.14 -7.73 -0.94
N PRO A 15 0.18 -6.84 -0.60
CA PRO A 15 0.08 -5.54 -1.25
C PRO A 15 1.31 -4.67 -0.96
N ILE A 16 1.52 -3.67 -1.80
CA ILE A 16 2.59 -2.67 -1.74
C ILE A 16 2.00 -1.25 -1.62
N CYS A 1 2.50 -0.59 -0.41
CA CYS A 1 2.09 0.76 -0.03
C CYS A 1 3.34 1.64 0.09
N THR A 2 3.15 2.96 0.07
CA THR A 2 4.20 3.95 0.25
C THR A 2 4.33 4.37 1.74
N LYS A 3 5.43 5.05 2.07
CA LYS A 3 5.73 5.52 3.43
C LYS A 3 4.90 6.73 3.86
N SER A 4 3.66 6.80 3.39
CA SER A 4 2.70 7.85 3.73
C SER A 4 1.69 7.41 4.80
N ILE A 5 0.89 8.36 5.27
CA ILE A 5 -0.20 8.29 6.25
C ILE A 5 -1.47 9.08 5.84
N PRO A 6 -2.54 8.43 5.36
CA PRO A 6 -2.71 6.99 5.19
C PRO A 6 -1.94 6.32 4.03
N PRO A 7 -1.18 5.20 4.16
CA PRO A 7 -0.52 4.61 3.01
C PRO A 7 -1.54 4.09 1.98
N ILE A 8 -1.24 4.23 0.69
CA ILE A 8 -2.12 3.76 -0.40
C ILE A 8 -1.61 2.46 -1.03
N CYS A 9 -2.33 1.35 -0.86
CA CYS A 9 -2.10 -0.03 -1.30
C CYS A 9 -2.91 -0.61 -2.48
N THR A 10 -2.35 -1.40 -3.40
CA THR A 10 -3.08 -2.06 -4.49
C THR A 10 -3.67 -3.39 -3.99
N LYS A 11 -4.65 -3.93 -4.73
CA LYS A 11 -5.32 -5.19 -4.40
C LYS A 11 -4.51 -6.41 -4.83
N SER A 12 -3.20 -6.31 -4.64
CA SER A 12 -2.15 -7.30 -4.93
C SER A 12 -1.75 -8.03 -3.62
N ILE A 13 -1.04 -9.16 -3.73
CA ILE A 13 -0.53 -10.02 -2.65
C ILE A 13 0.96 -10.43 -2.74
N PRO A 14 1.84 -9.93 -1.85
CA PRO A 14 1.53 -9.02 -0.77
C PRO A 14 1.21 -7.60 -1.28
N PRO A 15 0.18 -6.87 -0.78
CA PRO A 15 -0.04 -5.50 -1.24
C PRO A 15 1.10 -4.57 -0.83
N ILE A 16 1.47 -3.69 -1.74
CA ILE A 16 2.54 -2.69 -1.60
C ILE A 16 1.97 -1.28 -1.40
N CYS A 1 2.22 -0.71 -0.26
CA CYS A 1 1.75 0.65 -0.01
C CYS A 1 2.94 1.62 -0.05
N THR A 2 2.68 2.90 -0.21
CA THR A 2 3.67 3.98 -0.16
C THR A 2 3.99 4.37 1.30
N LYS A 3 5.10 5.11 1.48
CA LYS A 3 5.58 5.55 2.81
C LYS A 3 4.81 6.77 3.36
N SER A 4 3.54 6.86 3.01
CA SER A 4 2.63 7.89 3.51
C SER A 4 1.71 7.39 4.63
N ILE A 5 0.98 8.32 5.26
CA ILE A 5 0.01 8.18 6.35
C ILE A 5 -1.30 8.97 6.11
N PRO A 6 -2.44 8.33 5.78
CA PRO A 6 -2.61 6.89 5.59
C PRO A 6 -1.94 6.25 4.36
N PRO A 7 -1.12 5.17 4.43
CA PRO A 7 -0.50 4.65 3.21
C PRO A 7 -1.56 4.08 2.24
N ILE A 8 -1.33 4.21 0.94
CA ILE A 8 -2.23 3.67 -0.10
C ILE A 8 -1.66 2.43 -0.79
N CYS A 9 -2.35 1.29 -0.68
CA CYS A 9 -2.04 -0.07 -1.16
C CYS A 9 -2.75 -0.62 -2.42
N THR A 10 -2.06 -1.21 -3.39
CA THR A 10 -2.67 -1.80 -4.59
C THR A 10 -3.32 -3.15 -4.23
N LYS A 11 -4.20 -3.66 -5.10
CA LYS A 11 -4.93 -4.93 -4.90
C LYS A 11 -4.06 -6.15 -5.23
N SER A 12 -2.80 -6.06 -4.85
CA SER A 12 -1.74 -7.07 -4.95
C SER A 12 -1.55 -7.79 -3.59
N ILE A 13 -1.09 -9.04 -3.60
CA ILE A 13 -0.86 -9.93 -2.45
C ILE A 13 0.53 -10.63 -2.38
N PRO A 14 1.41 -10.27 -1.44
CA PRO A 14 1.21 -9.25 -0.42
C PRO A 14 1.11 -7.83 -1.03
N PRO A 15 0.15 -6.95 -0.70
CA PRO A 15 0.11 -5.61 -1.28
C PRO A 15 1.32 -4.77 -0.86
N ILE A 16 1.59 -3.74 -1.64
CA ILE A 16 2.66 -2.77 -1.45
C ILE A 16 2.13 -1.32 -1.42
N CYS A 1 2.29 -0.64 -0.33
CA CYS A 1 1.80 0.70 0.01
C CYS A 1 3.00 1.67 0.00
N THR A 2 2.72 2.97 -0.10
CA THR A 2 3.71 4.05 -0.03
C THR A 2 4.07 4.38 1.42
N LYS A 3 5.16 5.13 1.61
CA LYS A 3 5.65 5.59 2.93
C LYS A 3 4.85 6.78 3.49
N SER A 4 3.58 6.85 3.14
CA SER A 4 2.66 7.91 3.58
C SER A 4 1.75 7.46 4.74
N ILE A 5 0.97 8.42 5.26
CA ILE A 5 -0.05 8.33 6.31
C ILE A 5 -1.35 9.07 5.96
N PRO A 6 -2.45 8.38 5.58
CA PRO A 6 -2.58 6.93 5.47
C PRO A 6 -1.88 6.25 4.26
N PRO A 7 -1.06 5.18 4.38
CA PRO A 7 -0.44 4.59 3.18
C PRO A 7 -1.50 3.99 2.24
N ILE A 8 -1.33 4.16 0.94
CA ILE A 8 -2.24 3.61 -0.09
C ILE A 8 -1.66 2.35 -0.74
N CYS A 9 -2.37 1.22 -0.63
CA CYS A 9 -2.06 -0.16 -1.07
C CYS A 9 -2.72 -0.72 -2.35
N THR A 10 -2.01 -1.39 -3.26
CA THR A 10 -2.57 -1.97 -4.47
C THR A 10 -3.36 -3.24 -4.14
N LYS A 11 -4.18 -3.72 -5.09
CA LYS A 11 -4.99 -4.94 -4.94
C LYS A 11 -4.19 -6.22 -5.24
N SER A 12 -2.91 -6.15 -4.90
CA SER A 12 -1.87 -7.20 -5.03
C SER A 12 -1.66 -7.89 -3.67
N ILE A 13 -1.12 -9.11 -3.66
CA ILE A 13 -0.80 -9.97 -2.50
C ILE A 13 0.62 -10.57 -2.45
N PRO A 14 1.48 -10.17 -1.50
CA PRO A 14 1.22 -9.17 -0.47
C PRO A 14 1.11 -7.75 -1.07
N PRO A 15 0.13 -6.89 -0.71
CA PRO A 15 0.04 -5.56 -1.30
C PRO A 15 1.24 -4.69 -0.93
N ILE A 16 1.49 -3.67 -1.73
CA ILE A 16 2.56 -2.68 -1.59
C ILE A 16 1.99 -1.26 -1.44
N CYS A 1 2.38 -0.65 -0.49
CA CYS A 1 1.91 0.71 -0.21
C CYS A 1 3.13 1.64 -0.09
N THR A 2 2.90 2.95 -0.21
CA THR A 2 3.91 3.99 -0.04
C THR A 2 4.13 4.33 1.44
N LYS A 3 5.21 5.08 1.73
CA LYS A 3 5.59 5.48 3.09
C LYS A 3 4.76 6.65 3.64
N SER A 4 3.51 6.74 3.20
CA SER A 4 2.56 7.77 3.64
C SER A 4 1.57 7.27 4.71
N ILE A 5 0.94 8.22 5.41
CA ILE A 5 -0.08 8.10 6.46
C ILE A 5 -1.36 8.92 6.17
N PRO A 6 -2.47 8.31 5.73
CA PRO A 6 -2.67 6.88 5.46
C PRO A 6 -1.93 6.28 4.24
N PRO A 7 -1.16 5.17 4.29
CA PRO A 7 -0.49 4.67 3.08
C PRO A 7 -1.52 4.21 2.04
N ILE A 8 -1.17 4.30 0.74
CA ILE A 8 -2.05 3.89 -0.37
C ILE A 8 -1.59 2.56 -1.00
N CYS A 9 -2.37 1.50 -0.82
CA CYS A 9 -2.17 0.09 -1.24
C CYS A 9 -2.91 -0.43 -2.50
N THR A 10 -2.35 -1.32 -3.32
CA THR A 10 -3.01 -1.89 -4.49
C THR A 10 -3.55 -3.29 -4.16
N LYS A 11 -4.45 -3.81 -5.02
CA LYS A 11 -5.09 -5.12 -4.83
C LYS A 11 -4.15 -6.29 -5.14
N SER A 12 -2.90 -6.14 -4.71
CA SER A 12 -1.79 -7.08 -4.80
C SER A 12 -1.61 -7.81 -3.44
N ILE A 13 -1.11 -9.05 -3.45
CA ILE A 13 -0.80 -9.92 -2.31
C ILE A 13 0.59 -10.62 -2.31
N PRO A 14 1.53 -10.22 -1.44
CA PRO A 14 1.39 -9.16 -0.44
C PRO A 14 1.22 -7.77 -1.10
N PRO A 15 0.25 -6.91 -0.72
CA PRO A 15 0.15 -5.57 -1.31
C PRO A 15 1.37 -4.71 -0.97
N ILE A 16 1.63 -3.72 -1.80
CA ILE A 16 2.69 -2.72 -1.69
C ILE A 16 2.12 -1.30 -1.61
#